data_3OUQ
#
_entry.id   3OUQ
#
_cell.length_a   63.000
_cell.length_b   84.200
_cell.length_c   100.900
_cell.angle_alpha   90.00
_cell.angle_beta   90.00
_cell.angle_gamma   90.00
#
_symmetry.space_group_name_H-M   'I 2 2 2'
#
loop_
_entity.id
_entity.type
_entity.pdbx_description
1 polymer 'Cytochrome c family protein'
2 non-polymer 'HEME C'
3 water water
#
_entity_poly.entity_id   1
_entity_poly.type   'polypeptide(L)'
_entity_poly.pdbx_seq_one_letter_code
;KETKNVPFKLKNAAPVIFSHDIHLKKYNNNCRICHIALFDLRKPKRYTMLDMEKGKSCGACHTGMKAFSVADDSQCVRCH
SGSARPVAYRMKGAGEAVFSHEVHVPMLEGKCRTCHSNREITGGRNVTMAQMEKGKSCGACHNDKMAFTVAGNCGKCHKG
M
;
_entity_poly.pdbx_strand_id   A
#
# COMPACT_ATOMS: atom_id res chain seq x y z
N THR A 3 -17.13 -10.36 14.58
CA THR A 3 -18.05 -9.72 15.56
C THR A 3 -17.34 -8.56 16.24
N LYS A 4 -16.18 -8.85 16.80
CA LYS A 4 -15.36 -7.85 17.46
C LYS A 4 -14.16 -7.62 16.55
N ASN A 5 -14.27 -8.17 15.34
CA ASN A 5 -13.23 -8.03 14.32
C ASN A 5 -13.68 -6.93 13.37
N VAL A 6 -12.89 -5.87 13.25
CA VAL A 6 -13.27 -4.77 12.37
C VAL A 6 -12.53 -4.85 11.04
N PRO A 7 -13.27 -4.87 9.92
CA PRO A 7 -12.71 -4.96 8.57
C PRO A 7 -12.37 -3.61 7.97
N PHE A 8 -11.16 -3.50 7.42
CA PHE A 8 -10.72 -2.28 6.75
C PHE A 8 -10.64 -2.66 5.27
N LYS A 9 -11.66 -2.27 4.51
CA LYS A 9 -11.74 -2.61 3.10
C LYS A 9 -10.78 -1.81 2.22
N LEU A 10 -10.19 -2.49 1.24
CA LEU A 10 -9.26 -1.88 0.30
C LEU A 10 -9.76 -2.14 -1.13
N LYS A 11 -9.53 -1.19 -2.02
CA LYS A 11 -10.00 -1.33 -3.39
C LYS A 11 -9.37 -2.45 -4.19
N ASN A 12 -8.06 -2.68 -4.02
CA ASN A 12 -7.37 -3.71 -4.79
C ASN A 12 -6.86 -4.89 -3.99
N ALA A 13 -7.31 -5.04 -2.75
CA ALA A 13 -6.82 -6.16 -1.96
C ALA A 13 -7.80 -6.56 -0.89
N ALA A 14 -7.55 -7.71 -0.30
CA ALA A 14 -8.39 -8.20 0.77
C ALA A 14 -8.32 -7.16 1.87
N PRO A 15 -9.31 -7.14 2.78
CA PRO A 15 -9.25 -6.14 3.85
C PRO A 15 -8.32 -6.58 4.97
N VAL A 16 -7.85 -5.61 5.73
CA VAL A 16 -7.00 -5.90 6.86
C VAL A 16 -8.01 -5.98 7.96
N ILE A 17 -7.93 -7.02 8.78
CA ILE A 17 -8.89 -7.20 9.86
C ILE A 17 -8.32 -6.89 11.23
N PHE A 18 -8.86 -5.85 11.87
CA PHE A 18 -8.40 -5.53 13.22
C PHE A 18 -9.18 -6.45 14.14
N SER A 19 -8.47 -7.15 15.00
CA SER A 19 -9.11 -8.07 15.94
C SER A 19 -8.97 -7.57 17.37
N HIS A 20 -10.11 -7.25 18.00
CA HIS A 20 -10.12 -6.76 19.38
C HIS A 20 -9.55 -7.78 20.36
N ASP A 21 -9.96 -9.03 20.21
CA ASP A 21 -9.53 -10.09 21.11
C ASP A 21 -8.05 -10.03 21.50
N ILE A 22 -7.15 -10.11 20.52
CA ILE A 22 -5.73 -10.09 20.85
C ILE A 22 -5.25 -8.78 21.47
N HIS A 23 -5.91 -7.68 21.16
CA HIS A 23 -5.51 -6.41 21.75
C HIS A 23 -6.03 -6.26 23.17
N LEU A 24 -7.19 -6.86 23.44
CA LEU A 24 -7.77 -6.83 24.78
C LEU A 24 -6.95 -7.72 25.70
N LYS A 25 -6.61 -8.92 25.24
CA LYS A 25 -5.78 -9.80 26.04
C LYS A 25 -4.48 -9.07 26.33
N LYS A 26 -4.08 -8.19 25.41
CA LYS A 26 -2.83 -7.44 25.58
C LYS A 26 -2.96 -6.26 26.54
N TYR A 27 -4.01 -5.45 26.39
CA TYR A 27 -4.17 -4.30 27.27
C TYR A 27 -5.11 -4.53 28.44
N ASN A 28 -5.50 -5.78 28.66
CA ASN A 28 -6.39 -6.09 29.77
C ASN A 28 -7.69 -5.29 29.68
N ASN A 29 -8.42 -5.53 28.59
CA ASN A 29 -9.68 -4.88 28.33
C ASN A 29 -9.71 -3.38 28.56
N ASN A 30 -8.56 -2.72 28.66
CA ASN A 30 -8.61 -1.28 28.87
C ASN A 30 -8.86 -0.56 27.56
N CYS A 31 -10.14 -0.42 27.21
CA CYS A 31 -10.57 0.24 25.99
C CYS A 31 -10.06 1.67 25.84
N ARG A 32 -9.76 2.31 26.95
CA ARG A 32 -9.28 3.69 26.95
C ARG A 32 -7.98 3.91 26.19
N ILE A 33 -7.17 2.86 26.05
CA ILE A 33 -5.90 2.97 25.33
C ILE A 33 -6.15 3.47 23.91
N CYS A 34 -7.07 2.82 23.18
CA CYS A 34 -7.37 3.18 21.80
C CYS A 34 -8.65 3.98 21.50
N HIS A 35 -9.57 4.10 22.46
CA HIS A 35 -10.81 4.80 22.16
C HIS A 35 -11.00 6.27 22.52
N ILE A 36 -11.35 6.94 21.43
CA ILE A 36 -11.60 8.37 21.33
C ILE A 36 -10.29 9.15 21.52
N ALA A 37 -9.13 8.56 21.26
CA ALA A 37 -7.79 9.13 21.37
C ALA A 37 -7.09 8.76 20.07
N LEU A 38 -6.96 7.46 19.87
CA LEU A 38 -6.31 6.93 18.67
C LEU A 38 -7.40 6.89 17.60
N PHE A 39 -8.50 6.21 17.90
CA PHE A 39 -9.60 6.10 16.95
C PHE A 39 -10.86 6.84 17.39
N ASP A 40 -11.16 7.93 16.70
CA ASP A 40 -12.35 8.70 16.99
C ASP A 40 -13.53 7.93 16.44
N LEU A 41 -13.28 7.20 15.35
CA LEU A 41 -14.29 6.36 14.73
C LEU A 41 -15.58 7.11 14.41
N ARG A 42 -15.47 8.37 13.99
CA ARG A 42 -16.65 9.16 13.68
C ARG A 42 -16.77 9.62 12.23
N LYS A 43 -15.63 9.84 11.58
CA LYS A 43 -15.62 10.28 10.18
C LYS A 43 -14.18 10.14 9.69
N PRO A 44 -13.52 9.04 10.08
CA PRO A 44 -12.13 8.77 9.70
C PRO A 44 -11.90 8.71 8.20
N LYS A 45 -10.69 9.13 7.80
CA LYS A 45 -10.31 9.07 6.41
C LYS A 45 -9.80 7.65 6.32
N ARG A 46 -9.14 7.32 5.22
CA ARG A 46 -8.57 5.99 5.07
C ARG A 46 -7.08 6.24 5.14
N TYR A 47 -6.54 6.32 6.35
CA TYR A 47 -5.11 6.57 6.53
C TYR A 47 -4.26 5.66 5.68
N THR A 48 -3.20 6.22 5.13
CA THR A 48 -2.26 5.47 4.29
C THR A 48 -1.17 4.91 5.19
N MET A 49 -0.37 4.00 4.66
CA MET A 49 0.72 3.44 5.44
C MET A 49 1.74 4.50 5.82
N LEU A 50 1.94 5.49 4.96
CA LEU A 50 2.86 6.58 5.30
C LEU A 50 2.30 7.33 6.51
N ASP A 51 0.98 7.50 6.55
CA ASP A 51 0.36 8.20 7.67
C ASP A 51 0.67 7.42 8.93
N MET A 52 0.60 6.09 8.84
CA MET A 52 0.87 5.24 10.00
C MET A 52 2.34 5.35 10.39
N GLU A 53 3.21 5.52 9.39
CA GLU A 53 4.63 5.66 9.66
C GLU A 53 4.81 6.97 10.42
N LYS A 54 3.90 7.91 10.19
CA LYS A 54 3.98 9.20 10.86
C LYS A 54 3.41 9.11 12.27
N GLY A 55 2.73 8.00 12.56
CA GLY A 55 2.17 7.81 13.89
C GLY A 55 0.66 7.75 13.99
N LYS A 56 -0.01 7.79 12.85
CA LYS A 56 -1.48 7.73 12.83
C LYS A 56 -1.95 6.29 12.84
N SER A 57 -3.24 6.10 13.11
CA SER A 57 -3.86 4.78 13.12
C SER A 57 -3.10 3.70 13.89
N CYS A 58 -2.99 2.51 13.29
CA CYS A 58 -2.27 1.40 13.91
C CYS A 58 -0.84 1.82 14.25
N GLY A 59 -0.30 2.73 13.45
CA GLY A 59 1.05 3.21 13.65
C GLY A 59 1.33 3.93 14.96
N ALA A 60 0.32 4.11 15.78
CA ALA A 60 0.53 4.77 17.07
C ALA A 60 1.19 3.77 18.02
N CYS A 61 1.14 2.49 17.65
CA CYS A 61 1.72 1.46 18.48
C CYS A 61 2.66 0.58 17.67
N HIS A 62 2.21 0.18 16.49
CA HIS A 62 3.01 -0.68 15.62
C HIS A 62 4.16 0.13 15.04
N THR A 63 5.16 0.35 15.90
CA THR A 63 6.33 1.14 15.58
C THR A 63 7.62 0.35 15.76
N GLY A 64 7.52 -0.81 16.39
CA GLY A 64 8.70 -1.62 16.63
C GLY A 64 8.97 -1.76 18.12
N MET A 65 8.59 -0.73 18.87
CA MET A 65 8.76 -0.70 20.32
C MET A 65 7.72 -1.56 21.03
N LYS A 66 6.45 -1.22 20.84
CA LYS A 66 5.35 -1.96 21.47
C LYS A 66 4.97 -3.22 20.71
N ALA A 67 4.81 -3.08 19.39
CA ALA A 67 4.43 -4.19 18.54
C ALA A 67 5.16 -4.02 17.22
N PHE A 68 5.18 -5.07 16.41
CA PHE A 68 5.86 -5.00 15.12
C PHE A 68 5.51 -3.69 14.41
N SER A 69 6.50 -3.14 13.70
CA SER A 69 6.34 -1.89 12.97
C SER A 69 5.62 -2.03 11.63
N VAL A 70 4.95 -0.95 11.22
CA VAL A 70 4.23 -0.91 9.95
C VAL A 70 5.23 -0.56 8.87
N ALA A 71 6.48 -0.30 9.27
CA ALA A 71 7.53 0.05 8.33
C ALA A 71 8.55 -1.07 8.15
N ASP A 72 8.08 -2.30 8.07
CA ASP A 72 8.96 -3.45 7.89
C ASP A 72 8.43 -4.34 6.77
N ASP A 73 9.16 -4.39 5.67
CA ASP A 73 8.76 -5.21 4.55
C ASP A 73 8.47 -6.64 4.99
N SER A 74 9.11 -7.08 6.07
CA SER A 74 8.91 -8.43 6.58
C SER A 74 7.74 -8.53 7.55
N GLN A 75 7.17 -7.38 7.89
CA GLN A 75 6.05 -7.36 8.81
C GLN A 75 4.72 -7.01 8.18
N CYS A 76 4.68 -6.87 6.86
CA CYS A 76 3.42 -6.55 6.21
C CYS A 76 2.51 -7.75 6.32
N VAL A 77 3.08 -8.93 6.16
CA VAL A 77 2.31 -10.16 6.25
C VAL A 77 1.58 -10.29 7.59
N ARG A 78 2.05 -9.60 8.63
CA ARG A 78 1.41 -9.64 9.95
C ARG A 78 0.00 -9.06 9.94
N CYS A 79 -0.28 -8.18 8.99
CA CYS A 79 -1.61 -7.59 8.87
C CYS A 79 -2.27 -7.94 7.53
N HIS A 80 -1.55 -7.71 6.42
CA HIS A 80 -2.05 -8.01 5.09
C HIS A 80 -1.79 -9.46 4.73
N SER A 81 -2.78 -10.14 4.14
CA SER A 81 -2.63 -11.54 3.76
C SER A 81 -1.59 -11.68 2.66
N GLY A 82 -1.75 -10.89 1.61
CA GLY A 82 -0.81 -10.94 0.51
C GLY A 82 -0.50 -9.54 0.00
N SER A 83 -0.27 -9.42 -1.31
CA SER A 83 0.02 -8.14 -1.93
C SER A 83 -1.30 -7.53 -2.38
N ALA A 84 -1.81 -8.05 -3.49
CA ALA A 84 -3.07 -7.58 -4.05
C ALA A 84 -3.41 -8.43 -5.28
N ARG A 85 -4.52 -8.09 -5.93
CA ARG A 85 -4.93 -8.79 -7.13
C ARG A 85 -4.44 -7.87 -8.26
N PRO A 86 -4.38 -8.36 -9.50
CA PRO A 86 -3.92 -7.49 -10.59
C PRO A 86 -4.73 -6.21 -10.73
N VAL A 87 -4.05 -5.08 -10.72
CA VAL A 87 -4.73 -3.79 -10.85
C VAL A 87 -4.79 -3.36 -12.32
N ALA A 88 -6.00 -3.11 -12.80
CA ALA A 88 -6.21 -2.69 -14.17
C ALA A 88 -6.37 -1.17 -14.25
N TYR A 89 -5.56 -0.53 -15.10
CA TYR A 89 -5.65 0.91 -15.29
C TYR A 89 -6.34 1.21 -16.60
N ARG A 90 -7.32 2.11 -16.56
CA ARG A 90 -8.06 2.48 -17.76
C ARG A 90 -7.83 3.95 -18.06
N MET A 91 -7.81 4.28 -19.35
CA MET A 91 -7.60 5.64 -19.80
C MET A 91 -7.98 5.72 -21.26
N LYS A 92 -8.14 6.94 -21.78
CA LYS A 92 -8.47 7.10 -23.19
C LYS A 92 -7.18 7.14 -23.99
N GLY A 93 -7.13 6.39 -25.08
CA GLY A 93 -5.94 6.40 -25.92
C GLY A 93 -5.09 5.15 -25.91
N ALA A 94 -5.45 4.16 -25.08
CA ALA A 94 -4.68 2.93 -25.03
C ALA A 94 -5.41 1.81 -24.31
N GLY A 95 -4.98 0.58 -24.55
CA GLY A 95 -5.59 -0.55 -23.89
C GLY A 95 -5.30 -0.46 -22.40
N GLU A 96 -5.95 -1.31 -21.61
CA GLU A 96 -5.77 -1.31 -20.17
C GLU A 96 -4.33 -1.59 -19.78
N ALA A 97 -3.81 -0.78 -18.86
CA ALA A 97 -2.46 -0.98 -18.36
C ALA A 97 -2.66 -1.85 -17.12
N VAL A 98 -1.87 -2.90 -16.98
CA VAL A 98 -2.03 -3.79 -15.84
C VAL A 98 -0.80 -3.94 -14.96
N PHE A 99 -0.97 -3.72 -13.66
CA PHE A 99 0.13 -3.90 -12.73
C PHE A 99 -0.06 -5.18 -11.91
N SER A 100 0.97 -6.01 -11.87
CA SER A 100 0.90 -7.26 -11.13
C SER A 100 2.02 -7.32 -10.08
N HIS A 101 1.75 -7.96 -8.96
CA HIS A 101 2.75 -8.12 -7.91
C HIS A 101 3.49 -9.44 -8.13
N GLU A 102 2.80 -10.39 -8.76
CA GLU A 102 3.38 -11.70 -9.05
C GLU A 102 4.65 -11.48 -9.85
N VAL A 103 4.64 -10.41 -10.63
CA VAL A 103 5.78 -10.05 -11.46
C VAL A 103 6.79 -9.22 -10.69
N HIS A 104 6.32 -8.16 -10.04
CA HIS A 104 7.22 -7.26 -9.32
C HIS A 104 7.85 -7.61 -8.00
N VAL A 105 7.04 -8.05 -7.04
CA VAL A 105 7.58 -8.37 -5.73
C VAL A 105 8.69 -9.41 -5.80
N PRO A 106 8.43 -10.55 -6.44
CA PRO A 106 9.52 -11.53 -6.50
C PRO A 106 10.72 -10.99 -7.23
N MET A 107 10.53 -9.91 -7.99
CA MET A 107 11.61 -9.27 -8.75
C MET A 107 12.40 -8.29 -7.90
N LEU A 108 11.78 -7.80 -6.83
CA LEU A 108 12.43 -6.85 -5.94
C LEU A 108 12.79 -7.50 -4.61
N GLU A 109 13.15 -8.77 -4.68
CA GLU A 109 13.53 -9.54 -3.49
C GLU A 109 12.49 -9.47 -2.40
N GLY A 110 11.22 -9.26 -2.78
CA GLY A 110 10.15 -9.20 -1.81
C GLY A 110 9.89 -7.85 -1.16
N LYS A 111 10.62 -6.81 -1.57
CA LYS A 111 10.43 -5.49 -0.99
C LYS A 111 9.02 -4.97 -1.24
N CYS A 112 8.55 -4.04 -0.40
CA CYS A 112 7.20 -3.48 -0.56
C CYS A 112 7.19 -1.99 -0.38
N ARG A 113 7.92 -1.50 0.63
CA ARG A 113 7.94 -0.08 0.88
C ARG A 113 8.64 0.72 -0.22
N THR A 114 9.37 0.01 -1.08
CA THR A 114 10.07 0.66 -2.20
C THR A 114 9.09 1.51 -2.98
N CYS A 115 7.86 1.01 -3.07
CA CYS A 115 6.83 1.73 -3.80
C CYS A 115 5.86 2.37 -2.82
N HIS A 116 5.27 1.53 -1.98
CA HIS A 116 4.28 2.00 -1.01
C HIS A 116 4.72 3.09 -0.05
N SER A 117 6.03 3.24 0.16
CA SER A 117 6.52 4.28 1.06
C SER A 117 7.30 5.31 0.25
N ASN A 118 7.10 5.29 -1.06
CA ASN A 118 7.78 6.19 -1.98
C ASN A 118 6.73 7.13 -2.55
N ARG A 119 6.63 8.33 -1.97
CA ARG A 119 5.62 9.29 -2.42
C ARG A 119 5.66 9.57 -3.91
N GLU A 120 6.83 9.45 -4.53
CA GLU A 120 6.91 9.70 -5.96
C GLU A 120 6.34 8.53 -6.77
N ILE A 121 6.29 7.35 -6.16
CA ILE A 121 5.78 6.16 -6.84
C ILE A 121 4.30 5.89 -6.58
N THR A 122 3.78 6.35 -5.45
CA THR A 122 2.38 6.07 -5.15
C THR A 122 1.46 7.26 -4.90
N GLY A 123 2.05 8.43 -4.68
CA GLY A 123 1.26 9.62 -4.40
C GLY A 123 0.41 10.24 -5.49
N GLY A 124 0.35 9.63 -6.67
CA GLY A 124 -0.44 10.24 -7.72
C GLY A 124 -1.82 9.67 -8.00
N ARG A 125 -2.55 10.37 -8.86
CA ARG A 125 -3.88 9.97 -9.30
C ARG A 125 -3.92 10.25 -10.82
N ASN A 126 -4.08 9.19 -11.61
CA ASN A 126 -4.12 9.33 -13.06
C ASN A 126 -2.86 10.02 -13.58
N VAL A 127 -1.70 9.46 -13.25
CA VAL A 127 -0.45 10.06 -13.71
C VAL A 127 -0.34 9.79 -15.20
N THR A 128 0.23 10.75 -15.93
CA THR A 128 0.38 10.63 -17.37
C THR A 128 1.75 10.05 -17.71
N MET A 129 1.93 9.64 -18.97
CA MET A 129 3.22 9.11 -19.40
C MET A 129 4.27 10.21 -19.29
N ALA A 130 3.85 11.45 -19.53
CA ALA A 130 4.76 12.58 -19.43
C ALA A 130 5.39 12.60 -18.05
N GLN A 131 4.55 12.58 -17.03
CA GLN A 131 4.99 12.58 -15.64
C GLN A 131 5.76 11.33 -15.27
N MET A 132 5.43 10.21 -15.92
CA MET A 132 6.15 8.99 -15.63
C MET A 132 7.59 9.19 -16.11
N GLU A 133 7.74 9.96 -17.19
CA GLU A 133 9.06 10.21 -17.72
C GLU A 133 9.89 11.07 -16.77
N LYS A 134 9.21 11.90 -15.99
CA LYS A 134 9.91 12.75 -15.03
C LYS A 134 10.14 11.99 -13.72
N GLY A 135 9.92 10.67 -13.75
CA GLY A 135 10.15 9.84 -12.59
C GLY A 135 8.97 9.45 -11.72
N LYS A 136 7.78 9.95 -12.04
CA LYS A 136 6.58 9.66 -11.24
C LYS A 136 6.04 8.25 -11.51
N SER A 137 5.30 7.72 -10.55
CA SER A 137 4.68 6.39 -10.66
C SER A 137 5.59 5.31 -11.27
N CYS A 138 5.16 4.71 -12.37
CA CYS A 138 5.93 3.65 -13.01
C CYS A 138 7.33 4.13 -13.40
N GLY A 139 7.41 5.40 -13.78
CA GLY A 139 8.66 6.01 -14.20
C GLY A 139 9.79 5.99 -13.19
N ALA A 140 9.46 5.88 -11.91
CA ALA A 140 10.51 5.84 -10.91
C ALA A 140 11.47 4.66 -11.13
N CYS A 141 11.06 3.66 -11.91
CA CYS A 141 11.93 2.51 -12.16
C CYS A 141 12.01 2.11 -13.64
N HIS A 142 11.00 2.49 -14.42
CA HIS A 142 10.97 2.16 -15.84
C HIS A 142 11.56 3.33 -16.61
N ASN A 143 12.88 3.41 -16.59
CA ASN A 143 13.61 4.49 -17.23
C ASN A 143 14.87 4.01 -17.98
N ASP A 144 14.91 2.72 -18.27
CA ASP A 144 16.05 2.09 -18.96
C ASP A 144 17.27 1.87 -18.06
N LYS A 145 17.21 2.33 -16.82
CA LYS A 145 18.29 2.10 -15.88
C LYS A 145 17.82 0.85 -15.15
N MET A 146 16.85 1.05 -14.27
CA MET A 146 16.27 -0.02 -13.47
C MET A 146 15.51 -1.05 -14.31
N ALA A 147 14.45 -0.58 -14.98
CA ALA A 147 13.63 -1.43 -15.82
C ALA A 147 13.39 -0.76 -17.17
N PHE A 148 12.85 -1.49 -18.13
CA PHE A 148 12.61 -0.93 -19.45
C PHE A 148 11.89 0.40 -19.38
N THR A 149 12.36 1.34 -20.20
CA THR A 149 11.80 2.68 -20.25
C THR A 149 10.31 2.73 -20.55
N VAL A 150 9.68 3.78 -20.04
CA VAL A 150 8.27 4.03 -20.21
C VAL A 150 8.08 4.84 -21.51
N ALA A 151 9.19 5.40 -22.01
CA ALA A 151 9.19 6.17 -23.25
C ALA A 151 9.31 5.14 -24.36
N GLY A 152 8.21 4.45 -24.61
CA GLY A 152 8.19 3.39 -25.61
C GLY A 152 7.81 2.13 -24.84
N ASN A 153 7.87 0.98 -25.49
CA ASN A 153 7.52 -0.27 -24.82
C ASN A 153 6.02 -0.29 -24.43
N CYS A 154 5.26 0.65 -24.99
CA CYS A 154 3.82 0.77 -24.71
C CYS A 154 3.10 -0.56 -24.57
N GLY A 155 3.37 -1.47 -25.49
CA GLY A 155 2.72 -2.75 -25.49
C GLY A 155 3.08 -3.68 -24.35
N LYS A 156 4.21 -3.42 -23.70
CA LYS A 156 4.62 -4.25 -22.58
C LYS A 156 3.74 -4.00 -21.37
N CYS A 157 3.13 -2.82 -21.32
CA CYS A 157 2.25 -2.48 -20.20
C CYS A 157 0.79 -2.33 -20.61
N HIS A 158 0.56 -1.78 -21.80
CA HIS A 158 -0.79 -1.58 -22.29
C HIS A 158 -1.26 -2.71 -23.21
N LYS A 159 -2.54 -3.05 -23.11
CA LYS A 159 -3.11 -4.11 -23.92
C LYS A 159 -3.63 -3.52 -25.23
N GLY A 160 -3.89 -4.38 -26.22
CA GLY A 160 -4.35 -3.89 -27.50
C GLY A 160 -3.22 -3.17 -28.18
N MET A 161 -2.03 -3.38 -27.63
CA MET A 161 -0.80 -2.79 -28.14
C MET A 161 0.33 -3.75 -27.75
#